data_3CQW
#
_entry.id   3CQW
#
_cell.length_a   42.505
_cell.length_b   55.879
_cell.length_c   92.864
_cell.angle_alpha   90.000
_cell.angle_beta   102.360
_cell.angle_gamma   90.000
#
_symmetry.space_group_name_H-M   'P 1 21 1'
#
loop_
_entity.id
_entity.type
_entity.pdbx_description
1 polymer 'RAC-alpha serine/threonine-protein kinase'
2 polymer 'Glycogen synthase kinase-3 beta'
3 non-polymer 'MANGANESE (II) ION'
4 non-polymer 5-(5-chloro-7H-pyrrolo[2,3-d]pyrimidin-4-yl)-4,5,6,7-tetrahydro-1H-imidazo[4,5-c]pyridine
5 water water
#
loop_
_entity_poly.entity_id
_entity_poly.type
_entity_poly.pdbx_seq_one_letter_code
_entity_poly.pdbx_strand_id
1 'polypeptide(L)'
;GAMDPRVTMNEFEYLKLLGKGTFGKVILVKEKATGRYYAMKILKKEVIVAKDEVAHTLTENRVLQNSRHPFLTALKYSFQ
THDRLCFVMEYANGGELFFHLSRERVFSEDRARFYGAEIVSALDYLHSEKNVVYRDLKLENLMLDKDGHIKITDFGLCKE
GIKDGATMK(TPO)FCGTPEYLAPEVLEDNDYGRAVDWWGLGVVMYEMMCGRLPFYNQDHEKLFELILMEEIRFPRTLGP
EAKSLLSGLLKKDPKQRLGGGSEDAKEIMQHRFFAGIVWQHVYEKKLSPPFKPQVTSETDTRYFDEEFTAQMITITPPDQ
DDSMECVDSERRPHFPQFDYSASSTA
;
A
2 'polypeptide(L)' GRPRTTSFAE C
#
loop_
_chem_comp.id
_chem_comp.type
_chem_comp.name
_chem_comp.formula
CQW non-polymer 5-(5-chloro-7H-pyrrolo[2,3-d]pyrimidin-4-yl)-4,5,6,7-tetrahydro-1H-imidazo[4,5-c]pyridine 'C12 H11 Cl N6'
MN non-polymer 'MANGANESE (II) ION' 'Mn 2'
#
# COMPACT_ATOMS: atom_id res chain seq x y z
N ARG A 6 3.11 -21.01 -18.21
CA ARG A 6 4.22 -21.55 -19.05
C ARG A 6 5.20 -20.38 -19.31
N VAL A 7 5.36 -19.51 -18.30
CA VAL A 7 5.84 -18.16 -18.51
C VAL A 7 7.28 -17.99 -18.05
N THR A 8 8.06 -17.25 -18.85
CA THR A 8 9.50 -17.05 -18.61
C THR A 8 9.87 -15.58 -18.88
N MET A 9 11.11 -15.20 -18.66
CA MET A 9 11.53 -13.82 -18.98
C MET A 9 11.30 -13.47 -20.48
N ASN A 10 11.38 -14.50 -21.33
N ASN A 10 11.35 -14.47 -21.34
CA ASN A 10 11.23 -14.37 -22.78
CA ASN A 10 11.24 -14.26 -22.78
C ASN A 10 9.84 -13.91 -23.22
C ASN A 10 9.80 -14.17 -23.31
N GLU A 11 8.81 -14.20 -22.43
CA GLU A 11 7.44 -13.86 -22.80
C GLU A 11 7.13 -12.35 -22.78
N PHE A 12 8.09 -11.52 -22.35
CA PHE A 12 7.88 -10.08 -22.20
C PHE A 12 9.03 -9.25 -22.78
N GLU A 13 8.73 -8.01 -23.15
CA GLU A 13 9.75 -6.99 -23.37
C GLU A 13 9.79 -6.08 -22.14
N TYR A 14 10.98 -5.58 -21.85
CA TYR A 14 11.27 -4.77 -20.68
C TYR A 14 11.52 -3.37 -21.20
N LEU A 15 10.79 -2.40 -20.66
CA LEU A 15 10.64 -1.10 -21.30
C LEU A 15 11.15 0.02 -20.45
N LYS A 16 10.66 0.12 -19.20
CA LYS A 16 11.10 1.20 -18.31
C LYS A 16 11.18 0.68 -16.88
N LEU A 17 12.25 1.04 -16.19
CA LEU A 17 12.38 0.75 -14.77
C LEU A 17 11.49 1.68 -13.97
N LEU A 18 10.61 1.11 -13.14
CA LEU A 18 9.67 1.88 -12.30
C LEU A 18 10.07 2.02 -10.83
N GLY A 19 10.98 1.19 -10.37
CA GLY A 19 11.30 1.11 -8.97
C GLY A 19 12.42 0.13 -8.75
N LYS A 20 13.25 0.44 -7.76
CA LYS A 20 14.37 -0.43 -7.40
C LYS A 20 14.81 -0.08 -5.96
N GLY A 21 14.59 -1.00 -5.03
CA GLY A 21 15.11 -0.93 -3.66
C GLY A 21 16.16 -2.02 -3.44
N THR A 22 16.44 -2.36 -2.17
CA THR A 22 17.55 -3.30 -1.91
C THR A 22 17.28 -4.76 -2.30
N PHE A 23 16.02 -5.23 -2.22
CA PHE A 23 15.67 -6.62 -2.59
C PHE A 23 15.45 -6.86 -4.10
N GLY A 24 15.08 -5.81 -4.83
CA GLY A 24 14.75 -6.00 -6.25
C GLY A 24 14.24 -4.78 -6.98
N LYS A 25 13.47 -5.03 -8.04
CA LYS A 25 13.06 -3.95 -8.94
C LYS A 25 11.76 -4.27 -9.67
N VAL A 26 11.13 -3.20 -10.14
CA VAL A 26 9.86 -3.30 -10.85
C VAL A 26 10.04 -2.61 -12.18
N ILE A 27 9.60 -3.27 -13.25
CA ILE A 27 9.77 -2.80 -14.63
C ILE A 27 8.41 -2.83 -15.36
N LEU A 28 8.10 -1.76 -16.07
CA LEU A 28 7.02 -1.75 -17.06
C LEU A 28 7.35 -2.71 -18.19
N VAL A 29 6.55 -3.74 -18.37
CA VAL A 29 6.74 -4.71 -19.45
C VAL A 29 5.50 -4.83 -20.30
N LYS A 30 5.68 -5.46 -21.47
CA LYS A 30 4.61 -5.75 -22.41
C LYS A 30 4.69 -7.22 -22.75
N GLU A 31 3.56 -7.91 -22.67
CA GLU A 31 3.53 -9.35 -22.90
C GLU A 31 3.42 -9.59 -24.43
N LYS A 32 4.37 -10.35 -24.99
CA LYS A 32 4.52 -10.53 -26.45
C LYS A 32 3.26 -11.11 -27.05
N ALA A 33 2.65 -12.13 -26.42
CA ALA A 33 1.47 -12.79 -27.01
C ALA A 33 0.20 -11.98 -27.02
N THR A 34 0.09 -10.93 -26.20
CA THR A 34 -1.19 -10.19 -26.11
C THR A 34 -1.07 -8.73 -26.46
N GLY A 35 0.12 -8.18 -26.44
CA GLY A 35 0.27 -6.74 -26.53
C GLY A 35 -0.12 -6.00 -25.24
N ARG A 36 -0.37 -6.69 -24.13
CA ARG A 36 -0.81 -6.06 -22.86
C ARG A 36 0.37 -5.65 -22.01
N TYR A 37 0.18 -4.55 -21.28
CA TYR A 37 1.24 -3.94 -20.48
C TYR A 37 0.97 -4.26 -19.03
N TYR A 38 2.04 -4.51 -18.27
CA TYR A 38 1.97 -4.87 -16.87
C TYR A 38 3.19 -4.30 -16.11
N ALA A 39 3.13 -4.32 -14.78
CA ALA A 39 4.34 -4.12 -14.00
C ALA A 39 4.85 -5.48 -13.54
N MET A 40 6.14 -5.74 -13.76
CA MET A 40 6.80 -6.96 -13.28
C MET A 40 7.78 -6.62 -12.17
N LYS A 41 7.50 -7.12 -10.95
CA LYS A 41 8.46 -7.10 -9.82
C LYS A 41 9.37 -8.32 -9.97
N ILE A 42 10.68 -8.09 -10.06
CA ILE A 42 11.71 -9.12 -10.29
C ILE A 42 12.57 -9.16 -9.07
N LEU A 43 12.58 -10.31 -8.39
CA LEU A 43 13.45 -10.52 -7.23
C LEU A 43 14.56 -11.53 -7.53
N LYS A 44 15.81 -11.21 -7.16
N LYS A 44 15.76 -11.20 -7.05
CA LYS A 44 16.86 -12.22 -7.22
CA LYS A 44 16.91 -12.10 -7.06
C LYS A 44 16.79 -13.14 -5.98
C LYS A 44 16.75 -13.14 -5.92
N LYS A 45 16.59 -14.43 -6.24
CA LYS A 45 16.45 -15.45 -5.20
C LYS A 45 17.56 -15.41 -4.15
N GLU A 46 18.79 -15.22 -4.60
CA GLU A 46 19.91 -15.25 -3.68
C GLU A 46 19.84 -14.09 -2.67
N VAL A 47 19.49 -12.92 -3.17
CA VAL A 47 19.33 -11.74 -2.35
C VAL A 47 18.17 -11.87 -1.37
N ILE A 48 17.05 -12.47 -1.81
CA ILE A 48 15.91 -12.73 -0.93
C ILE A 48 16.28 -13.69 0.21
N VAL A 49 17.10 -14.70 -0.09
CA VAL A 49 17.52 -15.66 0.92
C VAL A 49 18.52 -15.00 1.92
N ALA A 50 19.45 -14.21 1.40
CA ALA A 50 20.48 -13.55 2.22
C ALA A 50 19.90 -12.47 3.14
N LYS A 51 18.94 -11.70 2.62
CA LYS A 51 18.36 -10.55 3.31
C LYS A 51 17.18 -11.00 4.16
N ASP A 52 16.91 -12.29 4.14
CA ASP A 52 15.88 -12.89 4.97
C ASP A 52 14.45 -12.50 4.58
N GLU A 53 14.23 -12.35 3.27
CA GLU A 53 12.94 -11.88 2.74
C GLU A 53 12.05 -12.99 2.19
N VAL A 54 12.35 -14.25 2.51
CA VAL A 54 11.64 -15.37 1.91
C VAL A 54 10.21 -15.40 2.39
N ALA A 55 10.02 -15.45 3.70
CA ALA A 55 8.68 -15.49 4.23
C ALA A 55 7.83 -14.24 3.81
N HIS A 56 8.46 -13.07 3.72
CA HIS A 56 7.74 -11.88 3.22
C HIS A 56 7.26 -12.07 1.76
N THR A 57 8.14 -12.62 0.91
CA THR A 57 7.83 -12.89 -0.50
C THR A 57 6.69 -13.94 -0.69
N LEU A 58 6.66 -14.97 0.15
CA LEU A 58 5.59 -15.97 0.08
C LEU A 58 4.25 -15.39 0.53
N THR A 59 4.29 -14.62 1.61
CA THR A 59 3.12 -13.82 2.02
C THR A 59 2.61 -12.97 0.88
N GLU A 60 3.47 -12.25 0.22
CA GLU A 60 3.03 -11.37 -0.85
C GLU A 60 2.42 -12.22 -2.01
N ASN A 61 3.06 -13.34 -2.34
CA ASN A 61 2.55 -14.25 -3.37
C ASN A 61 1.13 -14.72 -3.02
N ARG A 62 0.91 -15.25 -1.81
CA ARG A 62 -0.43 -15.71 -1.40
C ARG A 62 -1.46 -14.59 -1.33
N VAL A 63 -1.10 -13.48 -0.68
CA VAL A 63 -2.03 -12.37 -0.59
C VAL A 63 -2.49 -11.91 -1.98
N LEU A 64 -1.55 -11.78 -2.92
CA LEU A 64 -1.92 -11.40 -4.31
C LEU A 64 -2.80 -12.47 -4.99
N GLN A 65 -2.44 -13.75 -4.83
CA GLN A 65 -3.19 -14.84 -5.47
C GLN A 65 -4.61 -14.91 -5.00
N ASN A 66 -4.78 -14.73 -3.70
CA ASN A 66 -6.07 -14.88 -3.05
C ASN A 66 -6.97 -13.65 -3.05
N SER A 67 -6.44 -12.48 -3.41
N SER A 67 -6.44 -12.49 -3.42
CA SER A 67 -7.21 -11.24 -3.33
CA SER A 67 -7.17 -11.22 -3.31
C SER A 67 -7.81 -10.89 -4.66
C SER A 67 -7.79 -10.85 -4.64
N ARG A 68 -9.05 -10.42 -4.62
CA ARG A 68 -9.74 -9.91 -5.82
C ARG A 68 -10.49 -8.68 -5.39
N HIS A 69 -9.97 -7.49 -5.69
CA HIS A 69 -10.64 -6.26 -5.24
C HIS A 69 -10.27 -5.10 -6.14
N PRO A 70 -11.20 -4.19 -6.44
CA PRO A 70 -10.92 -3.13 -7.43
C PRO A 70 -9.73 -2.20 -6.99
N PHE A 71 -9.40 -2.12 -5.69
CA PHE A 71 -8.29 -1.25 -5.24
C PHE A 71 -7.06 -2.01 -4.75
N LEU A 72 -6.98 -3.28 -5.05
CA LEU A 72 -5.78 -4.09 -4.87
C LEU A 72 -5.24 -4.52 -6.22
N THR A 73 -3.98 -4.22 -6.45
CA THR A 73 -3.17 -4.67 -7.56
C THR A 73 -3.49 -6.13 -7.81
N ALA A 74 -4.05 -6.42 -8.99
CA ALA A 74 -4.32 -7.79 -9.39
C ALA A 74 -3.05 -8.48 -9.95
N LEU A 75 -2.88 -9.74 -9.59
CA LEU A 75 -1.80 -10.57 -10.05
C LEU A 75 -2.22 -11.35 -11.28
N LYS A 76 -1.40 -11.27 -12.33
CA LYS A 76 -1.62 -12.01 -13.58
C LYS A 76 -0.83 -13.34 -13.59
N TYR A 77 0.48 -13.25 -13.45
CA TYR A 77 1.34 -14.42 -13.32
C TYR A 77 2.28 -14.29 -12.13
N SER A 78 2.56 -15.42 -11.49
CA SER A 78 3.81 -15.58 -10.72
C SER A 78 4.64 -16.71 -11.34
N PHE A 79 5.93 -16.52 -11.52
CA PHE A 79 6.74 -17.55 -12.16
C PHE A 79 8.16 -17.39 -11.65
N GLN A 80 8.94 -18.45 -11.69
CA GLN A 80 10.36 -18.38 -11.32
C GLN A 80 11.29 -18.89 -12.42
N THR A 81 12.51 -18.42 -12.40
CA THR A 81 13.59 -19.01 -13.16
C THR A 81 14.59 -19.65 -12.19
N HIS A 82 15.75 -20.07 -12.69
N HIS A 82 15.73 -20.08 -12.75
CA HIS A 82 16.76 -20.66 -11.81
CA HIS A 82 16.87 -20.56 -11.97
C HIS A 82 17.28 -19.63 -10.76
C HIS A 82 17.27 -19.63 -10.81
N ASP A 83 17.25 -18.32 -11.09
CA ASP A 83 17.72 -17.27 -10.17
C ASP A 83 16.71 -16.14 -9.83
N ARG A 84 15.47 -16.21 -10.31
CA ARG A 84 14.54 -15.09 -10.11
C ARG A 84 13.14 -15.52 -9.71
N LEU A 85 12.50 -14.68 -8.92
CA LEU A 85 11.06 -14.75 -8.69
C LEU A 85 10.46 -13.52 -9.33
N CYS A 86 9.31 -13.68 -9.99
CA CYS A 86 8.70 -12.59 -10.72
C CYS A 86 7.21 -12.61 -10.52
N PHE A 87 6.64 -11.42 -10.28
CA PHE A 87 5.22 -11.18 -10.21
C PHE A 87 4.91 -10.23 -11.34
N VAL A 88 3.84 -10.53 -12.07
CA VAL A 88 3.38 -9.73 -13.19
C VAL A 88 2.01 -9.27 -12.78
N MET A 89 1.85 -7.98 -12.61
CA MET A 89 0.66 -7.42 -11.96
C MET A 89 0.17 -6.30 -12.81
N GLU A 90 -1.06 -5.83 -12.60
CA GLU A 90 -1.56 -4.65 -13.30
C GLU A 90 -0.61 -3.51 -13.06
N TYR A 91 -0.30 -2.78 -14.12
CA TYR A 91 0.46 -1.53 -14.09
C TYR A 91 -0.41 -0.37 -13.57
N ALA A 92 0.06 0.32 -12.55
CA ALA A 92 -0.60 1.52 -12.06
C ALA A 92 0.12 2.73 -12.66
N ASN A 93 -0.57 3.35 -13.61
N ASN A 93 -0.37 3.25 -13.79
CA ASN A 93 -0.02 4.26 -14.58
CA ASN A 93 0.32 4.34 -14.51
C ASN A 93 0.15 5.67 -13.92
C ASN A 93 0.34 5.69 -13.76
N GLY A 94 -0.62 5.91 -12.87
CA GLY A 94 -0.65 7.16 -12.14
C GLY A 94 0.41 7.35 -11.04
N GLY A 95 1.29 6.37 -10.82
CA GLY A 95 2.36 6.52 -9.84
C GLY A 95 1.88 6.53 -8.37
N GLU A 96 2.77 6.92 -7.46
CA GLU A 96 2.52 6.89 -6.03
C GLU A 96 1.83 8.14 -5.54
N LEU A 97 0.92 8.01 -4.59
CA LEU A 97 0.39 9.17 -3.93
C LEU A 97 1.52 10.05 -3.37
N PHE A 98 2.63 9.41 -2.95
CA PHE A 98 3.82 10.13 -2.47
C PHE A 98 4.31 11.15 -3.56
N PHE A 99 4.34 10.71 -4.82
CA PHE A 99 4.68 11.57 -5.95
C PHE A 99 3.85 12.84 -6.01
N HIS A 100 2.53 12.64 -6.05
CA HIS A 100 1.53 13.70 -6.17
C HIS A 100 1.56 14.63 -5.00
N LEU A 101 1.68 14.06 -3.80
CA LEU A 101 1.59 14.92 -2.63
C LEU A 101 2.94 15.66 -2.38
N SER A 102 4.06 15.12 -2.81
CA SER A 102 5.34 15.85 -2.78
C SER A 102 5.31 17.11 -3.70
N ARG A 103 4.48 17.12 -4.73
CA ARG A 103 4.40 18.24 -5.66
C ARG A 103 3.28 19.23 -5.38
N GLU A 104 2.23 18.81 -4.68
CA GLU A 104 1.03 19.63 -4.50
C GLU A 104 0.86 20.09 -3.08
N ARG A 105 1.61 19.47 -2.18
CA ARG A 105 1.63 19.81 -0.76
C ARG A 105 0.44 19.29 0.07
N VAL A 106 -0.79 19.58 -0.36
CA VAL A 106 -1.98 19.02 0.29
C VAL A 106 -3.04 18.67 -0.76
N PHE A 107 -3.91 17.72 -0.42
CA PHE A 107 -5.13 17.47 -1.20
C PHE A 107 -6.32 18.19 -0.55
N SER A 108 -7.31 18.62 -1.33
CA SER A 108 -8.58 19.10 -0.79
C SER A 108 -9.17 17.97 0.06
N GLU A 109 -10.04 18.36 0.97
CA GLU A 109 -10.79 17.38 1.76
C GLU A 109 -11.51 16.40 0.82
N ASP A 110 -12.09 16.87 -0.26
CA ASP A 110 -12.87 15.98 -1.16
C ASP A 110 -11.94 14.95 -1.85
N ARG A 111 -10.78 15.40 -2.32
CA ARG A 111 -9.81 14.52 -2.92
C ARG A 111 -9.30 13.45 -1.92
N ALA A 112 -8.95 13.89 -0.70
CA ALA A 112 -8.55 13.01 0.40
C ALA A 112 -9.66 12.05 0.79
N ARG A 113 -10.88 12.55 0.70
CA ARG A 113 -12.03 11.73 1.08
C ARG A 113 -12.20 10.60 0.08
N PHE A 114 -12.07 10.92 -1.19
CA PHE A 114 -12.14 9.95 -2.24
C PHE A 114 -11.11 8.84 -2.09
N TYR A 115 -9.84 9.17 -1.83
CA TYR A 115 -8.80 8.13 -1.70
C TYR A 115 -8.99 7.34 -0.42
N GLY A 116 -9.38 8.05 0.62
CA GLY A 116 -9.65 7.44 1.90
C GLY A 116 -10.75 6.38 1.83
N ALA A 117 -11.84 6.70 1.13
CA ALA A 117 -12.93 5.75 0.93
C ALA A 117 -12.44 4.51 0.22
N GLU A 118 -11.66 4.67 -0.86
CA GLU A 118 -11.09 3.51 -1.58
C GLU A 118 -10.11 2.65 -0.71
N ILE A 119 -9.29 3.34 0.06
CA ILE A 119 -8.45 2.68 0.97
C ILE A 119 -9.26 1.90 2.01
N VAL A 120 -10.25 2.53 2.62
CA VAL A 120 -11.10 1.86 3.59
C VAL A 120 -11.74 0.63 2.93
N SER A 121 -12.17 0.73 1.65
CA SER A 121 -12.87 -0.37 0.97
C SER A 121 -11.92 -1.55 0.88
N ALA A 122 -10.68 -1.29 0.47
CA ALA A 122 -9.69 -2.34 0.29
C ALA A 122 -9.31 -2.99 1.62
N LEU A 123 -9.10 -2.14 2.64
CA LEU A 123 -8.68 -2.60 3.94
C LEU A 123 -9.79 -3.43 4.56
N ASP A 124 -11.03 -3.00 4.34
CA ASP A 124 -12.15 -3.74 4.90
C ASP A 124 -12.24 -5.17 4.28
N TYR A 125 -12.05 -5.25 2.98
CA TYR A 125 -11.93 -6.51 2.28
C TYR A 125 -10.78 -7.35 2.75
N LEU A 126 -9.60 -6.79 2.93
CA LEU A 126 -8.52 -7.60 3.44
C LEU A 126 -8.79 -8.18 4.85
N HIS A 127 -9.30 -7.34 5.72
CA HIS A 127 -9.59 -7.70 7.09
C HIS A 127 -10.72 -8.78 7.08
N SER A 128 -11.83 -8.44 6.46
CA SER A 128 -13.10 -9.19 6.57
C SER A 128 -13.22 -10.44 5.71
N GLU A 129 -12.73 -10.34 4.49
CA GLU A 129 -12.85 -11.41 3.53
C GLU A 129 -11.61 -12.25 3.56
N LYS A 130 -10.44 -11.62 3.75
CA LYS A 130 -9.20 -12.38 3.58
C LYS A 130 -8.44 -12.66 4.91
N ASN A 131 -8.88 -12.08 6.01
CA ASN A 131 -8.26 -12.28 7.33
C ASN A 131 -6.83 -11.81 7.26
N VAL A 132 -6.66 -10.65 6.60
CA VAL A 132 -5.32 -10.11 6.37
C VAL A 132 -5.25 -8.70 7.03
N VAL A 133 -4.14 -8.42 7.73
CA VAL A 133 -3.82 -7.08 8.23
C VAL A 133 -2.64 -6.57 7.42
N TYR A 134 -2.76 -5.35 6.88
CA TYR A 134 -1.81 -4.87 5.87
C TYR A 134 -0.46 -4.36 6.44
N ARG A 135 -0.56 -3.65 7.57
CA ARG A 135 0.60 -3.21 8.42
C ARG A 135 1.56 -2.14 7.91
N ASP A 136 1.61 -1.87 6.62
CA ASP A 136 2.54 -0.87 6.08
C ASP A 136 1.92 0.18 5.18
N LEU A 137 0.71 0.57 5.50
CA LEU A 137 0.07 1.65 4.80
C LEU A 137 0.93 2.92 4.89
N LYS A 138 1.14 3.50 3.72
CA LYS A 138 1.89 4.72 3.56
C LYS A 138 1.72 5.24 2.14
N LEU A 139 2.12 6.48 1.99
CA LEU A 139 1.97 7.26 0.76
C LEU A 139 2.74 6.64 -0.36
N GLU A 140 3.91 6.12 -0.05
CA GLU A 140 4.72 5.46 -1.04
C GLU A 140 4.09 4.23 -1.66
N ASN A 141 3.21 3.51 -0.93
CA ASN A 141 2.71 2.20 -1.42
C ASN A 141 1.21 2.27 -1.75
N LEU A 142 0.76 3.50 -1.97
CA LEU A 142 -0.58 3.76 -2.51
C LEU A 142 -0.42 4.39 -3.86
N MET A 143 -0.74 3.62 -4.89
CA MET A 143 -0.60 4.03 -6.29
C MET A 143 -1.95 4.38 -6.90
N LEU A 144 -1.93 5.06 -8.03
CA LEU A 144 -3.11 5.39 -8.79
C LEU A 144 -3.08 4.69 -10.17
N ASP A 145 -4.19 4.09 -10.61
CA ASP A 145 -4.23 3.43 -11.90
C ASP A 145 -4.56 4.49 -12.96
N LYS A 146 -4.75 4.09 -14.20
CA LYS A 146 -4.93 5.04 -15.29
C LYS A 146 -6.19 5.91 -15.13
N ASP A 147 -7.21 5.42 -14.43
CA ASP A 147 -8.40 6.22 -14.21
C ASP A 147 -8.31 7.08 -12.95
N GLY A 148 -7.21 6.96 -12.22
CA GLY A 148 -7.07 7.67 -10.97
C GLY A 148 -7.68 7.02 -9.75
N HIS A 149 -7.92 5.71 -9.80
CA HIS A 149 -8.29 4.99 -8.57
C HIS A 149 -7.09 4.41 -7.84
N ILE A 150 -7.22 4.26 -6.53
CA ILE A 150 -6.22 3.63 -5.69
C ILE A 150 -5.85 2.18 -6.08
N LYS A 151 -4.56 1.89 -6.08
N LYS A 151 -4.56 1.89 -6.03
CA LYS A 151 -4.09 0.52 -6.11
CA LYS A 151 -4.09 0.52 -6.11
C LYS A 151 -3.11 0.38 -4.99
C LYS A 151 -3.08 0.32 -5.03
N ILE A 152 -3.44 -0.51 -4.06
CA ILE A 152 -2.48 -0.94 -3.06
C ILE A 152 -1.55 -1.96 -3.67
N THR A 153 -0.27 -1.73 -3.43
CA THR A 153 0.86 -2.60 -3.77
C THR A 153 1.63 -2.95 -2.48
N ASP A 154 2.51 -3.93 -2.59
CA ASP A 154 3.51 -4.25 -1.60
C ASP A 154 2.86 -4.91 -0.39
N PHE A 155 2.65 -6.22 -0.51
CA PHE A 155 1.95 -7.00 0.50
C PHE A 155 2.86 -7.79 1.39
N GLY A 156 4.15 -7.54 1.30
CA GLY A 156 5.14 -8.37 1.98
C GLY A 156 5.11 -8.29 3.48
N LEU A 157 4.62 -7.17 4.01
CA LEU A 157 4.53 -7.03 5.49
C LEU A 157 3.16 -7.42 6.05
N CYS A 158 2.30 -7.99 5.19
CA CYS A 158 0.97 -8.39 5.62
C CYS A 158 1.06 -9.51 6.65
N LYS A 159 0.13 -9.52 7.59
CA LYS A 159 -0.13 -10.69 8.40
C LYS A 159 -1.37 -11.41 7.86
N GLU A 160 -1.26 -12.72 7.77
CA GLU A 160 -2.31 -13.65 7.33
C GLU A 160 -2.96 -14.32 8.53
N GLY A 161 -4.14 -14.90 8.31
CA GLY A 161 -4.79 -15.67 9.35
C GLY A 161 -5.15 -14.93 10.62
N ILE A 162 -5.47 -13.64 10.50
CA ILE A 162 -5.88 -12.79 11.61
C ILE A 162 -7.36 -12.57 11.51
N LYS A 163 -8.08 -13.22 12.39
CA LYS A 163 -9.54 -13.30 12.28
C LYS A 163 -10.08 -12.55 13.43
N ASP A 164 -10.98 -11.61 13.14
CA ASP A 164 -11.51 -10.70 14.15
C ASP A 164 -10.32 -10.04 14.86
N GLY A 165 -10.45 -9.88 16.18
CA GLY A 165 -9.49 -9.23 17.05
C GLY A 165 -8.32 -10.05 17.51
N ALA A 166 -7.93 -11.08 16.77
CA ALA A 166 -6.69 -11.81 17.10
C ALA A 166 -5.46 -10.87 17.00
N THR A 167 -4.39 -11.20 17.74
CA THR A 167 -3.22 -10.27 17.87
C THR A 167 -1.95 -10.83 17.24
N MET A 168 -0.95 -9.96 17.12
CA MET A 168 0.30 -10.27 16.49
C MET A 168 1.43 -9.52 17.21
N LYS A 169 2.67 -9.89 16.91
CA LYS A 169 3.84 -9.40 17.69
C LYS A 169 4.95 -8.74 16.83
N TPO A 170 5.04 -9.05 15.55
CA TPO A 170 6.17 -8.57 14.76
CB TPO A 170 6.15 -9.23 13.41
CG2 TPO A 170 7.44 -9.03 12.62
OG1 TPO A 170 5.88 -10.62 13.63
P TPO A 170 4.51 -11.22 12.99
O1P TPO A 170 4.50 -12.77 13.39
O2P TPO A 170 3.31 -10.54 13.72
O3P TPO A 170 4.53 -11.09 11.45
C TPO A 170 6.24 -7.04 14.71
O TPO A 170 5.27 -6.32 14.47
N PHE A 171 7.43 -6.59 15.07
CA PHE A 171 7.89 -5.21 14.94
C PHE A 171 8.29 -4.99 13.51
N CYS A 172 7.33 -4.46 12.75
CA CYS A 172 7.52 -4.21 11.34
C CYS A 172 6.59 -3.09 10.89
N GLY A 173 6.83 -2.56 9.69
CA GLY A 173 6.11 -1.42 9.19
C GLY A 173 7.05 -0.38 8.62
N THR A 174 6.73 0.88 8.85
CA THR A 174 7.59 1.99 8.52
C THR A 174 7.59 2.93 9.75
N PRO A 175 8.77 3.37 10.21
CA PRO A 175 8.87 4.13 11.47
C PRO A 175 7.91 5.30 11.64
N GLU A 176 7.79 6.10 10.61
CA GLU A 176 6.98 7.33 10.72
C GLU A 176 5.50 7.00 10.85
N TYR A 177 5.12 5.79 10.46
CA TYR A 177 3.70 5.34 10.51
C TYR A 177 3.29 4.39 11.64
N LEU A 178 4.23 3.97 12.46
CA LEU A 178 4.00 2.94 13.51
C LEU A 178 2.98 3.39 14.54
N ALA A 179 2.02 2.51 14.87
CA ALA A 179 0.98 2.85 15.84
C ALA A 179 1.59 2.73 17.24
N PRO A 180 1.10 3.51 18.20
CA PRO A 180 1.57 3.47 19.59
C PRO A 180 1.62 2.06 20.15
N GLU A 181 0.57 1.26 19.92
CA GLU A 181 0.54 -0.07 20.54
C GLU A 181 1.66 -0.92 20.04
N VAL A 182 2.14 -0.69 18.80
CA VAL A 182 3.31 -1.41 18.29
C VAL A 182 4.57 -0.94 19.03
N LEU A 183 4.69 0.36 19.22
CA LEU A 183 5.87 0.91 19.87
C LEU A 183 5.93 0.52 21.37
N GLU A 184 4.78 0.18 21.94
CA GLU A 184 4.69 -0.12 23.37
C GLU A 184 5.13 -1.57 23.59
N ASP A 185 5.39 -2.27 22.49
CA ASP A 185 5.77 -3.70 22.52
C ASP A 185 4.61 -4.51 23.11
N ASN A 186 3.39 -4.07 22.83
CA ASN A 186 2.19 -4.82 23.12
C ASN A 186 1.83 -5.72 21.93
N ASP A 187 1.16 -6.82 22.23
CA ASP A 187 0.40 -7.49 21.23
C ASP A 187 -0.57 -6.46 20.61
N TYR A 188 -0.80 -6.57 19.29
CA TYR A 188 -1.60 -5.55 18.53
C TYR A 188 -2.49 -6.27 17.52
N GLY A 189 -3.59 -5.61 17.18
CA GLY A 189 -4.63 -6.20 16.33
C GLY A 189 -4.75 -5.42 15.03
N ARG A 190 -5.74 -5.78 14.21
CA ARG A 190 -5.96 -5.17 12.89
C ARG A 190 -6.22 -3.65 12.97
N ALA A 191 -6.46 -3.10 14.16
CA ALA A 191 -6.58 -1.63 14.25
C ALA A 191 -5.32 -0.85 13.96
N VAL A 192 -4.17 -1.48 13.89
CA VAL A 192 -2.98 -0.78 13.43
C VAL A 192 -3.23 -0.19 12.02
N ASP A 193 -4.02 -0.88 11.18
CA ASP A 193 -4.24 -0.37 9.82
C ASP A 193 -5.09 0.90 9.83
N TRP A 194 -5.94 1.12 10.82
CA TRP A 194 -6.67 2.40 10.93
C TRP A 194 -5.81 3.54 11.48
N TRP A 195 -4.85 3.25 12.35
CA TRP A 195 -3.81 4.23 12.66
C TRP A 195 -3.09 4.64 11.35
N GLY A 196 -2.68 3.70 10.52
CA GLY A 196 -2.01 4.03 9.29
C GLY A 196 -2.86 4.90 8.41
N LEU A 197 -4.14 4.53 8.32
CA LEU A 197 -5.10 5.30 7.61
C LEU A 197 -5.14 6.71 8.12
N GLY A 198 -5.14 6.88 9.40
CA GLY A 198 -5.16 8.22 9.98
C GLY A 198 -3.94 9.04 9.62
N VAL A 199 -2.80 8.40 9.61
CA VAL A 199 -1.54 9.10 9.27
C VAL A 199 -1.55 9.50 7.80
N VAL A 200 -1.86 8.56 6.90
CA VAL A 200 -2.11 8.90 5.51
C VAL A 200 -3.12 10.04 5.31
N MET A 201 -4.30 9.97 5.91
CA MET A 201 -5.32 11.00 5.74
C MET A 201 -4.82 12.37 6.29
N TYR A 202 -4.10 12.33 7.41
CA TYR A 202 -3.51 13.55 8.00
C TYR A 202 -2.54 14.20 7.03
N GLU A 203 -1.64 13.40 6.47
CA GLU A 203 -0.68 13.90 5.48
C GLU A 203 -1.41 14.48 4.29
N MET A 204 -2.41 13.77 3.79
CA MET A 204 -3.18 14.27 2.65
C MET A 204 -3.81 15.61 2.92
N MET A 205 -4.37 15.80 4.09
CA MET A 205 -5.15 17.03 4.27
C MET A 205 -4.36 18.13 5.00
N CYS A 206 -3.30 17.79 5.74
CA CYS A 206 -2.48 18.78 6.49
C CYS A 206 -1.09 19.03 5.87
N GLY A 207 -0.67 18.13 4.99
CA GLY A 207 0.54 18.33 4.22
C GLY A 207 1.82 18.07 5.00
N ARG A 208 1.69 17.39 6.14
CA ARG A 208 2.85 16.87 6.85
C ARG A 208 2.38 15.70 7.69
N LEU A 209 3.34 14.99 8.24
CA LEU A 209 3.13 13.84 9.12
C LEU A 209 2.68 14.38 10.43
N PRO A 210 1.81 13.67 11.12
CA PRO A 210 1.32 14.16 12.42
C PRO A 210 2.43 14.16 13.49
N PHE A 211 3.41 13.27 13.30
CA PHE A 211 4.55 13.20 14.24
C PHE A 211 5.77 13.10 13.41
N TYR A 212 6.71 14.01 13.68
CA TYR A 212 7.86 14.14 12.88
C TYR A 212 9.15 14.52 13.65
N ASN A 213 10.17 13.70 13.38
CA ASN A 213 11.55 13.92 13.76
C ASN A 213 12.33 12.92 12.88
N GLN A 214 13.42 13.39 12.31
CA GLN A 214 14.21 12.63 11.32
C GLN A 214 14.74 11.32 11.88
N ASP A 215 15.00 11.40 13.16
CA ASP A 215 15.53 10.36 13.96
C ASP A 215 14.34 9.56 14.51
N HIS A 216 14.26 8.33 13.99
CA HIS A 216 13.27 7.31 14.35
C HIS A 216 13.01 7.23 15.85
N GLU A 217 14.05 7.30 16.63
CA GLU A 217 13.87 7.24 18.08
C GLU A 217 13.14 8.40 18.68
N LYS A 218 13.44 9.62 18.27
CA LYS A 218 12.75 10.79 18.90
C LYS A 218 11.30 10.85 18.35
N LEU A 219 11.16 10.45 17.11
CA LEU A 219 9.86 10.28 16.48
C LEU A 219 8.92 9.36 17.30
N PHE A 220 9.46 8.25 17.78
CA PHE A 220 8.67 7.28 18.56
C PHE A 220 8.18 7.95 19.80
N GLU A 221 9.01 8.82 20.40
CA GLU A 221 8.58 9.51 21.62
C GLU A 221 7.37 10.43 21.33
N LEU A 222 7.42 11.15 20.21
CA LEU A 222 6.28 11.97 19.82
C LEU A 222 5.05 11.10 19.68
N ILE A 223 5.18 9.94 19.05
CA ILE A 223 3.99 9.11 18.80
C ILE A 223 3.33 8.69 20.12
N LEU A 224 4.13 8.30 21.11
CA LEU A 224 3.53 7.82 22.38
C LEU A 224 3.05 8.96 23.27
N MET A 225 3.69 10.13 23.15
CA MET A 225 3.53 11.21 24.15
C MET A 225 2.63 12.38 23.72
N GLU A 226 2.70 12.83 22.47
CA GLU A 226 2.02 14.07 22.06
C GLU A 226 0.70 13.93 21.34
N GLU A 227 -0.14 14.94 21.51
CA GLU A 227 -1.44 15.02 20.80
C GLU A 227 -1.17 15.65 19.46
N ILE A 228 -1.96 15.27 18.46
CA ILE A 228 -1.73 15.79 17.12
C ILE A 228 -2.16 17.25 17.12
N ARG A 229 -1.59 18.01 16.20
CA ARG A 229 -1.98 19.38 15.97
C ARG A 229 -2.92 19.38 14.81
N PHE A 230 -3.70 20.42 14.74
CA PHE A 230 -4.78 20.48 13.78
C PHE A 230 -4.69 21.85 13.18
N PRO A 231 -4.24 21.96 11.98
CA PRO A 231 -4.26 23.24 11.25
C PRO A 231 -5.66 23.84 11.22
N ARG A 232 -5.73 25.15 11.37
CA ARG A 232 -6.98 25.87 11.46
C ARG A 232 -7.80 25.82 10.14
N THR A 233 -7.22 25.39 9.04
CA THR A 233 -8.03 25.22 7.81
C THR A 233 -8.89 23.92 7.79
N LEU A 234 -8.61 23.05 8.75
CA LEU A 234 -9.20 21.75 8.74
C LEU A 234 -10.68 21.87 9.21
N GLY A 235 -11.59 21.31 8.43
CA GLY A 235 -13.02 21.30 8.80
C GLY A 235 -13.33 20.41 10.02
N PRO A 236 -14.50 20.60 10.61
CA PRO A 236 -14.79 19.92 11.88
C PRO A 236 -14.89 18.36 11.70
N GLU A 237 -15.39 17.90 10.55
CA GLU A 237 -15.54 16.48 10.25
C GLU A 237 -14.18 15.78 10.09
N ALA A 238 -13.32 16.44 9.33
CA ALA A 238 -11.95 15.97 9.08
C ALA A 238 -11.13 15.94 10.37
N LYS A 239 -11.26 16.99 11.16
CA LYS A 239 -10.71 17.01 12.49
C LYS A 239 -11.13 15.82 13.30
N SER A 240 -12.44 15.53 13.35
CA SER A 240 -12.95 14.44 14.18
C SER A 240 -12.47 13.05 13.67
N LEU A 241 -12.42 12.90 12.36
CA LEU A 241 -11.95 11.66 11.73
C LEU A 241 -10.49 11.42 12.11
N LEU A 242 -9.64 12.45 11.90
CA LEU A 242 -8.22 12.35 12.25
C LEU A 242 -8.02 12.05 13.71
N SER A 243 -8.80 12.71 14.57
N SER A 243 -8.82 12.69 14.57
CA SER A 243 -8.71 12.49 16.02
CA SER A 243 -8.70 12.48 16.02
C SER A 243 -9.12 11.08 16.40
C SER A 243 -9.12 11.06 16.39
N GLY A 244 -10.20 10.56 15.79
CA GLY A 244 -10.63 9.19 16.02
C GLY A 244 -9.62 8.11 15.49
N LEU A 245 -9.10 8.26 14.27
CA LEU A 245 -8.16 7.29 13.70
C LEU A 245 -6.81 7.35 14.40
N LEU A 246 -6.46 8.50 14.97
CA LEU A 246 -5.15 8.65 15.64
C LEU A 246 -5.25 8.69 17.19
N LYS A 247 -6.29 8.05 17.69
CA LYS A 247 -6.37 7.67 19.10
C LYS A 247 -5.27 6.68 19.40
N LYS A 248 -4.56 6.89 20.50
CA LYS A 248 -3.35 6.11 20.76
C LYS A 248 -3.65 4.71 21.31
N ASP A 249 -4.74 4.63 22.09
CA ASP A 249 -5.27 3.39 22.60
C ASP A 249 -6.11 2.76 21.43
N PRO A 250 -5.68 1.65 20.84
CA PRO A 250 -6.43 1.02 19.72
C PRO A 250 -7.85 0.66 20.12
N LYS A 251 -8.09 0.34 21.39
CA LYS A 251 -9.48 0.10 21.85
C LYS A 251 -10.37 1.33 21.74
N GLN A 252 -9.80 2.51 21.74
CA GLN A 252 -10.59 3.72 21.64
C GLN A 252 -10.62 4.28 20.22
N ARG A 253 -9.84 3.66 19.35
CA ARG A 253 -9.64 4.15 17.99
C ARG A 253 -10.88 3.90 17.15
N LEU A 254 -11.22 4.86 16.31
CA LEU A 254 -12.16 4.63 15.22
C LEU A 254 -11.78 3.41 14.37
N GLY A 255 -12.67 2.43 14.31
CA GLY A 255 -12.41 1.16 13.67
C GLY A 255 -11.84 0.11 14.61
N GLY A 256 -11.67 0.46 15.89
CA GLY A 256 -10.96 -0.41 16.82
C GLY A 256 -11.83 -1.50 17.47
N GLY A 257 -13.15 -1.40 17.32
CA GLY A 257 -14.07 -2.39 17.85
C GLY A 257 -14.38 -3.54 16.90
N SER A 258 -15.42 -4.32 17.22
CA SER A 258 -15.82 -5.49 16.44
C SER A 258 -16.33 -5.11 15.05
N GLU A 259 -16.89 -3.93 14.92
CA GLU A 259 -17.37 -3.45 13.62
C GLU A 259 -16.23 -3.09 12.62
N ASP A 260 -15.00 -2.95 13.13
CA ASP A 260 -13.84 -2.72 12.27
C ASP A 260 -14.14 -1.55 11.31
N ALA A 261 -14.02 -1.75 10.00
CA ALA A 261 -14.18 -0.68 9.03
C ALA A 261 -15.54 -0.01 9.03
N LYS A 262 -16.58 -0.77 9.40
CA LYS A 262 -17.96 -0.32 9.38
C LYS A 262 -18.13 0.90 10.26
N GLU A 263 -17.34 0.99 11.35
CA GLU A 263 -17.34 2.17 12.20
C GLU A 263 -16.78 3.44 11.50
N ILE A 264 -15.68 3.30 10.77
CA ILE A 264 -15.14 4.40 9.94
C ILE A 264 -16.09 4.78 8.84
N MET A 265 -16.73 3.80 8.19
CA MET A 265 -17.62 4.06 7.06
C MET A 265 -18.85 4.90 7.46
N GLN A 266 -19.19 4.78 8.74
N GLN A 266 -19.27 4.79 8.73
CA GLN A 266 -20.31 5.44 9.35
CA GLN A 266 -20.41 5.53 9.28
C GLN A 266 -20.01 6.92 9.65
C GLN A 266 -20.01 6.89 9.84
N HIS A 267 -18.72 7.26 9.73
CA HIS A 267 -18.27 8.51 10.29
C HIS A 267 -18.72 9.66 9.40
N ARG A 268 -19.10 10.75 10.04
CA ARG A 268 -19.71 11.86 9.32
C ARG A 268 -18.83 12.50 8.24
N PHE A 269 -17.51 12.32 8.32
CA PHE A 269 -16.63 12.81 7.25
C PHE A 269 -16.97 12.12 5.93
N PHE A 270 -17.34 10.84 6.01
CA PHE A 270 -17.72 10.06 4.89
C PHE A 270 -19.25 10.10 4.57
N ALA A 271 -20.01 10.96 5.23
CA ALA A 271 -21.46 11.12 4.92
C ALA A 271 -21.69 11.29 3.43
N GLY A 272 -22.67 10.63 2.87
CA GLY A 272 -22.79 10.81 1.40
C GLY A 272 -21.61 10.37 0.51
N ILE A 273 -20.69 9.59 1.06
CA ILE A 273 -20.05 8.55 0.28
C ILE A 273 -21.03 7.34 0.30
N VAL A 274 -21.27 6.77 -0.86
CA VAL A 274 -22.09 5.61 -0.99
C VAL A 274 -21.12 4.45 -1.20
N TRP A 275 -20.95 3.62 -0.18
CA TRP A 275 -19.90 2.59 -0.18
C TRP A 275 -19.99 1.57 -1.32
N GLN A 276 -21.20 1.28 -1.80
CA GLN A 276 -21.38 0.29 -2.84
C GLN A 276 -20.90 0.90 -4.15
N HIS A 277 -21.11 2.20 -4.36
CA HIS A 277 -20.56 2.93 -5.53
C HIS A 277 -19.03 3.08 -5.48
N VAL A 278 -18.49 3.29 -4.30
CA VAL A 278 -17.03 3.21 -4.11
C VAL A 278 -16.52 1.88 -4.69
N TYR A 279 -17.07 0.75 -4.22
CA TYR A 279 -16.64 -0.59 -4.65
C TYR A 279 -16.84 -0.77 -6.14
N GLU A 280 -17.94 -0.25 -6.68
CA GLU A 280 -18.31 -0.52 -8.09
C GLU A 280 -17.59 0.47 -9.01
N LYS A 281 -16.72 1.28 -8.42
CA LYS A 281 -15.93 2.27 -9.14
C LYS A 281 -16.81 3.29 -9.87
N LYS A 282 -17.94 3.65 -9.29
CA LYS A 282 -18.83 4.62 -9.91
C LYS A 282 -18.58 6.03 -9.47
N LEU A 283 -17.68 6.24 -8.51
CA LEU A 283 -17.37 7.61 -8.08
C LEU A 283 -16.31 8.21 -8.98
N SER A 284 -16.48 9.50 -9.26
CA SER A 284 -15.64 10.23 -10.20
C SER A 284 -14.26 10.58 -9.64
N PRO A 285 -13.20 10.02 -10.18
CA PRO A 285 -11.88 10.32 -9.61
C PRO A 285 -11.58 11.79 -9.74
N PRO A 286 -11.14 12.41 -8.66
CA PRO A 286 -10.85 13.85 -8.68
C PRO A 286 -9.61 14.15 -9.52
N PHE A 287 -8.77 13.16 -9.81
CA PHE A 287 -7.63 13.37 -10.66
C PHE A 287 -7.47 12.22 -11.62
N LYS A 288 -7.44 12.52 -12.91
CA LYS A 288 -7.11 11.51 -13.92
C LYS A 288 -5.69 11.72 -14.40
N PRO A 289 -4.84 10.71 -14.27
CA PRO A 289 -3.48 10.82 -14.80
C PRO A 289 -3.48 11.18 -16.29
N GLN A 290 -2.73 12.22 -16.66
CA GLN A 290 -2.69 12.69 -18.06
C GLN A 290 -1.52 12.02 -18.77
N VAL A 291 -1.71 10.78 -19.20
CA VAL A 291 -0.71 10.08 -19.99
C VAL A 291 -0.94 10.15 -21.51
N THR A 292 0.16 10.28 -22.26
CA THR A 292 0.12 10.13 -23.72
C THR A 292 -0.15 8.65 -24.07
N SER A 293 0.79 7.76 -23.71
CA SER A 293 0.76 6.32 -24.06
C SER A 293 0.65 5.42 -22.85
N GLU A 294 0.53 4.12 -23.12
CA GLU A 294 0.65 3.09 -22.11
C GLU A 294 2.06 2.99 -21.46
N THR A 295 3.09 3.62 -22.07
CA THR A 295 4.48 3.63 -21.57
C THR A 295 4.93 4.98 -21.05
N ASP A 296 4.03 5.96 -20.97
CA ASP A 296 4.37 7.25 -20.40
C ASP A 296 4.45 7.10 -18.87
N THR A 297 5.64 7.31 -18.32
CA THR A 297 5.95 7.19 -16.89
C THR A 297 6.29 8.54 -16.27
N ARG A 298 5.67 9.60 -16.73
CA ARG A 298 5.85 10.91 -16.12
C ARG A 298 5.45 10.98 -14.63
N TYR A 299 4.68 10.00 -14.12
CA TYR A 299 4.31 10.01 -12.72
C TYR A 299 5.21 9.16 -11.84
N PHE A 300 6.39 8.82 -12.36
CA PHE A 300 7.33 7.98 -11.63
C PHE A 300 8.60 8.77 -11.45
N ASP A 301 9.44 8.34 -10.53
CA ASP A 301 10.63 9.13 -10.28
C ASP A 301 11.76 8.83 -11.29
N GLU A 302 12.12 9.92 -11.94
CA GLU A 302 13.30 10.13 -12.79
C GLU A 302 14.53 9.28 -12.45
N GLU A 303 14.91 9.23 -11.16
CA GLU A 303 16.04 8.39 -10.73
C GLU A 303 15.96 6.99 -11.34
N PHE A 304 14.75 6.44 -11.38
CA PHE A 304 14.55 5.08 -11.89
C PHE A 304 14.24 5.01 -13.40
N THR A 305 13.26 5.77 -13.89
CA THR A 305 12.87 5.71 -15.31
C THR A 305 13.98 6.09 -16.31
N ALA A 306 14.84 7.04 -15.92
CA ALA A 306 16.01 7.45 -16.70
C ALA A 306 17.13 6.39 -16.80
N GLN A 307 17.06 5.31 -16.00
CA GLN A 307 18.02 4.19 -16.10
C GLN A 307 17.70 3.22 -17.24
N MET A 308 18.72 2.87 -18.00
CA MET A 308 18.60 1.89 -19.09
C MET A 308 18.57 0.48 -18.49
N ILE A 309 17.85 -0.44 -19.15
CA ILE A 309 17.63 -1.79 -18.63
C ILE A 309 18.75 -2.75 -19.06
N GLU A 326 20.03 -24.04 -2.79
CA GLU A 326 19.95 -23.66 -1.36
C GLU A 326 20.27 -22.17 -1.14
N ARG A 327 21.34 -21.69 -1.79
CA ARG A 327 21.58 -20.25 -1.97
C ARG A 327 20.59 -19.68 -3.01
N ARG A 328 20.17 -20.53 -3.95
CA ARG A 328 19.16 -20.20 -4.93
C ARG A 328 18.20 -21.38 -5.04
N PRO A 329 17.34 -21.53 -4.05
CA PRO A 329 16.45 -22.69 -4.00
C PRO A 329 15.27 -22.60 -4.97
N HIS A 330 14.72 -23.77 -5.30
CA HIS A 330 13.41 -23.83 -5.88
C HIS A 330 12.40 -23.46 -4.81
N PHE A 331 11.41 -22.67 -5.20
CA PHE A 331 10.24 -22.35 -4.36
C PHE A 331 9.07 -23.21 -4.81
N PRO A 332 8.66 -24.17 -3.99
CA PRO A 332 7.61 -25.11 -4.39
C PRO A 332 6.32 -24.42 -4.71
N GLN A 333 5.72 -24.79 -5.84
CA GLN A 333 4.43 -24.25 -6.26
C GLN A 333 4.27 -22.71 -6.10
N PHE A 334 5.36 -21.97 -6.38
CA PHE A 334 5.32 -20.51 -6.42
C PHE A 334 4.54 -20.01 -7.64
N ASP A 335 4.66 -20.78 -8.74
CA ASP A 335 4.02 -20.49 -10.03
C ASP A 335 2.48 -20.34 -9.95
N TYR A 336 1.94 -19.35 -10.67
CA TYR A 336 0.48 -19.07 -10.69
C TYR A 336 0.08 -18.37 -12.00
N SER A 337 -1.09 -18.67 -12.52
CA SER A 337 -1.63 -17.97 -13.70
C SER A 337 -3.10 -17.70 -13.50
N ALA A 338 -3.49 -16.44 -13.58
CA ALA A 338 -4.89 -16.09 -13.40
C ALA A 338 -5.68 -16.62 -14.59
N SER A 339 -6.98 -16.78 -14.39
CA SER A 339 -7.89 -16.94 -15.51
C SER A 339 -9.33 -16.65 -15.08
N SER A 340 -10.15 -16.13 -16.00
CA SER A 340 -11.60 -16.01 -15.78
C SER A 340 -12.03 -16.24 -14.31
N GLY B 1 6.49 17.68 1.32
CA GLY B 1 7.70 17.40 0.51
C GLY B 1 8.71 16.73 1.41
N ARG B 2 8.27 15.74 2.19
CA ARG B 2 9.14 14.99 3.08
C ARG B 2 10.03 13.94 2.35
N PRO B 3 11.08 13.49 3.02
CA PRO B 3 11.88 12.43 2.43
C PRO B 3 11.12 11.11 2.39
N ARG B 4 11.45 10.29 1.43
CA ARG B 4 10.97 8.94 1.33
C ARG B 4 11.34 8.04 2.54
N THR B 5 10.34 7.28 2.99
CA THR B 5 10.50 6.42 4.18
C THR B 5 10.96 5.05 3.73
N THR B 6 11.36 4.24 4.70
CA THR B 6 11.84 2.90 4.42
C THR B 6 11.11 1.89 5.33
N SER B 7 10.48 0.91 4.70
CA SER B 7 9.80 -0.16 5.38
C SER B 7 10.85 -1.06 6.04
N PHE B 8 10.50 -1.66 7.16
CA PHE B 8 11.39 -2.57 7.87
C PHE B 8 10.61 -3.72 8.50
N ALA B 9 11.33 -4.78 8.82
CA ALA B 9 10.86 -5.78 9.73
C ALA B 9 12.04 -6.20 10.63
N GLU B 10 11.81 -6.28 11.93
CA GLU B 10 12.82 -6.83 12.83
C GLU B 10 12.62 -8.29 13.06
MN MN C . 12.93 7.62 8.04
C7 CQW D . 2.62 -1.51 -10.22
C9 CQW D . 3.42 0.56 -10.93
C13 CQW D . 3.72 -1.66 -9.34
C21 CQW D . 6.03 1.43 -6.44
N5 CQW D . 1.81 -2.62 -10.11
C18 CQW D . 6.51 1.75 -7.82
CL1 CQW D . 4.54 -3.84 -7.58
C2 CQW D . 3.52 -2.99 -8.72
C3 CQW D . 2.36 -3.49 -9.19
N8 CQW D . 2.51 -0.42 -10.99
C12 CQW D . 4.64 -0.59 -9.30
N11 CQW D . 4.46 0.45 -10.12
N14 CQW D . 5.80 -0.58 -8.49
C28 CQW D . 5.75 -0.97 -7.06
C27 CQW D . 5.72 0.17 -6.09
N26 CQW D . 5.50 0.15 -4.73
C24 CQW D . 5.68 1.39 -4.26
N22 CQW D . 6.04 2.20 -5.28
C15 CQW D . 6.81 0.49 -8.66
#